data_7MRG
#
_entry.id   7MRG
#
_cell.length_a   29.870
_cell.length_b   66.620
_cell.length_c   142.720
_cell.angle_alpha   90.000
_cell.angle_beta   90.000
_cell.angle_gamma   90.000
#
_symmetry.space_group_name_H-M   'P 21 21 21'
#
loop_
_entity.id
_entity.type
_entity.pdbx_description
1 polymer 'Bromodomain testis-specific protein'
2 non-polymer 2-methyl-4-[3-(2-oxopyrrolidin-1-yl)phenyl]isoquinolin-1(2H)-one
3 non-polymer 1,2-ETHANEDIOL
4 non-polymer 'CHLORIDE ION'
5 water water
#
_entity_poly.entity_id   1
_entity_poly.type   'polypeptide(L)'
_entity_poly.pdbx_seq_one_letter_code
;GAASTNQLQYLQKVVLKDLWKHSFSWPFQRPVDAVKLQLPDYYTIIKNPMDLNTIKKRLENKYYAKASECIEDFNTMFSN
CYLYNKPGDDIVLMAQALEKLFMQKLSQMPQEE
;
_entity_poly.pdbx_strand_id   A,B
#
# COMPACT_ATOMS: atom_id res chain seq x y z
N SER A 4 -6.73 20.18 2.58
CA SER A 4 -5.98 21.07 1.69
C SER A 4 -6.41 20.87 0.24
N THR A 5 -6.99 21.93 -0.35
CA THR A 5 -7.34 21.89 -1.76
C THR A 5 -6.11 21.82 -2.66
N ASN A 6 -4.97 22.30 -2.19
CA ASN A 6 -3.74 22.18 -2.97
C ASN A 6 -3.35 20.73 -3.15
N GLN A 7 -3.27 19.97 -2.04
CA GLN A 7 -2.92 18.56 -2.13
C GLN A 7 -3.99 17.78 -2.89
N LEU A 8 -5.26 18.11 -2.67
CA LEU A 8 -6.33 17.46 -3.43
C LEU A 8 -6.19 17.78 -4.91
N GLN A 9 -5.74 18.99 -5.25
CA GLN A 9 -5.52 19.32 -6.65
C GLN A 9 -4.35 18.52 -7.23
N TYR A 10 -3.30 18.31 -6.44
CA TYR A 10 -2.17 17.52 -6.92
C TYR A 10 -2.59 16.07 -7.13
N LEU A 11 -3.38 15.53 -6.19
CA LEU A 11 -3.87 14.16 -6.33
C LEU A 11 -4.74 14.00 -7.57
N GLN A 12 -5.45 15.07 -7.97
CA GLN A 12 -6.33 14.98 -9.13
C GLN A 12 -5.55 15.20 -10.43
N LYS A 13 -4.73 16.25 -10.48
CA LYS A 13 -4.09 16.67 -11.72
C LYS A 13 -2.79 15.95 -12.01
N VAL A 14 -2.13 15.39 -10.98
CA VAL A 14 -0.85 14.70 -11.14
C VAL A 14 -0.99 13.21 -10.87
N VAL A 15 -1.32 12.84 -9.63
CA VAL A 15 -1.30 11.43 -9.25
C VAL A 15 -2.32 10.62 -10.05
N LEU A 16 -3.58 11.05 -10.02
CA LEU A 16 -4.62 10.29 -10.72
C LEU A 16 -4.39 10.27 -12.22
N LYS A 17 -4.03 11.43 -12.81
CA LYS A 17 -3.77 11.48 -14.23
C LYS A 17 -2.64 10.54 -14.62
N ASP A 18 -1.55 10.54 -13.84
CA ASP A 18 -0.38 9.75 -14.20
C ASP A 18 -0.64 8.26 -14.04
N LEU A 19 -1.41 7.87 -13.03
CA LEU A 19 -1.78 6.46 -12.89
C LEU A 19 -2.64 6.02 -14.06
N TRP A 20 -3.57 6.89 -14.48
CA TRP A 20 -4.45 6.57 -15.60
C TRP A 20 -3.65 6.38 -16.89
N LYS A 21 -2.61 7.19 -17.09
CA LYS A 21 -1.80 7.08 -18.30
C LYS A 21 -1.04 5.76 -18.37
N HIS A 22 -0.72 5.17 -17.23
CA HIS A 22 0.08 3.95 -17.20
C HIS A 22 -0.61 2.84 -17.98
N SER A 23 0.18 2.06 -18.72
CA SER A 23 -0.36 1.01 -19.58
C SER A 23 -1.15 -0.04 -18.81
N PHE A 24 -0.90 -0.18 -17.51
CA PHE A 24 -1.55 -1.21 -16.72
C PHE A 24 -2.80 -0.70 -15.99
N SER A 25 -3.25 0.52 -16.28
CA SER A 25 -4.35 1.08 -15.50
C SER A 25 -5.72 0.55 -15.92
N TRP A 26 -5.85 0.01 -17.13
CA TRP A 26 -7.18 -0.26 -17.68
C TRP A 26 -8.07 -1.14 -16.80
N PRO A 27 -7.57 -2.21 -16.13
CA PRO A 27 -8.48 -2.99 -15.28
C PRO A 27 -8.98 -2.23 -14.06
N PHE A 28 -8.34 -1.12 -13.70
CA PHE A 28 -8.70 -0.35 -12.52
C PHE A 28 -9.47 0.91 -12.87
N GLN A 29 -9.84 1.07 -14.14
CA GLN A 29 -10.42 2.31 -14.65
C GLN A 29 -11.93 2.39 -14.40
N ARG A 30 -12.53 1.30 -13.96
CA ARG A 30 -13.94 1.28 -13.59
C ARG A 30 -14.11 0.19 -12.54
N PRO A 31 -15.20 0.23 -11.77
CA PRO A 31 -15.39 -0.78 -10.73
C PRO A 31 -15.29 -2.19 -11.30
N VAL A 32 -14.76 -3.10 -10.47
CA VAL A 32 -14.80 -4.52 -10.80
C VAL A 32 -16.26 -4.93 -10.90
N ASP A 33 -16.67 -5.35 -12.09
CA ASP A 33 -18.06 -5.72 -12.35
C ASP A 33 -18.12 -7.22 -12.17
N ALA A 34 -18.50 -7.65 -10.96
CA ALA A 34 -18.38 -9.05 -10.57
C ALA A 34 -19.36 -9.93 -11.32
N VAL A 35 -20.49 -9.38 -11.75
CA VAL A 35 -21.40 -10.16 -12.59
C VAL A 35 -20.77 -10.41 -13.96
N LYS A 36 -20.28 -9.34 -14.60
N LYS A 36 -20.27 -9.35 -14.60
CA LYS A 36 -19.63 -9.47 -15.90
CA LYS A 36 -19.64 -9.49 -15.91
C LYS A 36 -18.47 -10.45 -15.84
C LYS A 36 -18.46 -10.46 -15.86
N LEU A 37 -17.66 -10.38 -14.79
CA LEU A 37 -16.45 -11.18 -14.65
C LEU A 37 -16.71 -12.54 -14.02
N GLN A 38 -17.94 -12.82 -13.59
CA GLN A 38 -18.30 -14.11 -12.98
C GLN A 38 -17.46 -14.38 -11.73
N LEU A 39 -17.42 -13.41 -10.83
CA LEU A 39 -16.72 -13.56 -9.55
C LEU A 39 -17.77 -13.67 -8.45
N PRO A 40 -18.17 -14.90 -8.09
CA PRO A 40 -19.36 -15.05 -7.23
C PRO A 40 -19.20 -14.49 -5.83
N ASP A 41 -17.97 -14.31 -5.34
CA ASP A 41 -17.72 -13.94 -3.96
C ASP A 41 -17.21 -12.51 -3.80
N TYR A 42 -17.01 -11.78 -4.90
CA TYR A 42 -16.24 -10.54 -4.82
C TYR A 42 -16.98 -9.49 -3.99
N TYR A 43 -18.24 -9.20 -4.33
CA TYR A 43 -19.03 -8.26 -3.55
C TYR A 43 -19.24 -8.73 -2.12
N THR A 44 -19.12 -10.03 -1.86
CA THR A 44 -19.33 -10.55 -0.51
C THR A 44 -18.11 -10.32 0.37
N ILE A 45 -16.90 -10.52 -0.15
CA ILE A 45 -15.71 -10.44 0.69
C ILE A 45 -14.95 -9.12 0.55
N ILE A 46 -15.14 -8.39 -0.54
CA ILE A 46 -14.52 -7.08 -0.74
C ILE A 46 -15.56 -6.05 -0.33
N LYS A 47 -15.42 -5.51 0.88
CA LYS A 47 -16.53 -4.75 1.49
C LYS A 47 -16.68 -3.37 0.85
N ASN A 48 -15.58 -2.73 0.47
CA ASN A 48 -15.61 -1.38 -0.11
C ASN A 48 -14.86 -1.40 -1.44
N PRO A 49 -15.50 -1.86 -2.51
CA PRO A 49 -14.86 -1.80 -3.83
C PRO A 49 -14.46 -0.38 -4.18
N MET A 50 -13.35 -0.24 -4.92
CA MET A 50 -12.87 1.09 -5.25
C MET A 50 -12.09 0.99 -6.56
N ASP A 51 -12.06 2.10 -7.30
CA ASP A 51 -11.47 2.13 -8.63
C ASP A 51 -11.08 3.57 -8.95
N LEU A 52 -10.31 3.73 -10.04
CA LEU A 52 -9.83 5.04 -10.43
C LEU A 52 -10.97 5.98 -10.84
N ASN A 53 -12.03 5.45 -11.44
CA ASN A 53 -13.12 6.32 -11.90
C ASN A 53 -13.94 6.86 -10.74
N THR A 54 -14.18 6.03 -9.71
CA THR A 54 -14.85 6.53 -8.52
C THR A 54 -14.02 7.62 -7.85
N ILE A 55 -12.72 7.40 -7.71
CA ILE A 55 -11.85 8.41 -7.13
C ILE A 55 -11.90 9.69 -7.96
N LYS A 56 -11.94 9.56 -9.27
CA LYS A 56 -11.95 10.73 -10.15
C LYS A 56 -13.24 11.52 -10.01
N LYS A 57 -14.38 10.82 -9.98
CA LYS A 57 -15.66 11.48 -9.78
C LYS A 57 -15.70 12.17 -8.42
N ARG A 58 -15.13 11.55 -7.39
CA ARG A 58 -15.18 12.14 -6.05
C ARG A 58 -14.33 13.39 -5.97
N LEU A 59 -13.15 13.39 -6.59
CA LEU A 59 -12.35 14.60 -6.65
C LEU A 59 -13.05 15.69 -7.45
N GLU A 60 -13.72 15.31 -8.55
CA GLU A 60 -14.42 16.29 -9.37
C GLU A 60 -15.58 16.93 -8.61
N ASN A 61 -16.32 16.12 -7.84
CA ASN A 61 -17.48 16.59 -7.08
C ASN A 61 -17.11 17.17 -5.73
N LYS A 62 -15.81 17.35 -5.44
CA LYS A 62 -15.35 17.87 -4.16
C LYS A 62 -15.91 17.05 -3.00
N TYR A 63 -15.83 15.72 -3.15
CA TYR A 63 -16.35 14.81 -2.14
C TYR A 63 -15.42 14.69 -0.94
N TYR A 64 -14.10 14.75 -1.16
CA TYR A 64 -13.15 14.61 -0.07
C TYR A 64 -12.97 15.93 0.66
N ALA A 65 -12.78 15.84 1.97
CA ALA A 65 -12.46 17.01 2.78
C ALA A 65 -10.96 17.23 2.89
N LYS A 66 -10.18 16.14 2.97
CA LYS A 66 -8.74 16.21 3.08
C LYS A 66 -8.11 15.21 2.11
N ALA A 67 -6.85 15.47 1.76
CA ALA A 67 -6.13 14.56 0.88
C ALA A 67 -6.01 13.17 1.47
N SER A 68 -5.94 13.06 2.80
CA SER A 68 -5.78 11.77 3.46
C SER A 68 -6.94 10.83 3.16
N GLU A 69 -8.15 11.37 2.94
CA GLU A 69 -9.28 10.52 2.61
C GLU A 69 -9.19 10.02 1.17
N CYS A 70 -8.70 10.86 0.26
CA CYS A 70 -8.46 10.41 -1.11
C CYS A 70 -7.35 9.37 -1.18
N ILE A 71 -6.27 9.59 -0.43
CA ILE A 71 -5.18 8.61 -0.37
C ILE A 71 -5.69 7.27 0.16
N GLU A 72 -6.56 7.31 1.16
CA GLU A 72 -7.13 6.08 1.69
C GLU A 72 -7.88 5.29 0.62
N ASP A 73 -8.57 6.00 -0.29
CA ASP A 73 -9.29 5.31 -1.36
C ASP A 73 -8.33 4.66 -2.35
N PHE A 74 -7.22 5.32 -2.67
CA PHE A 74 -6.19 4.68 -3.50
C PHE A 74 -5.68 3.40 -2.86
N ASN A 75 -5.36 3.46 -1.57
CA ASN A 75 -4.82 2.28 -0.88
C ASN A 75 -5.85 1.16 -0.83
N THR A 76 -7.13 1.51 -0.62
CA THR A 76 -8.18 0.51 -0.64
C THR A 76 -8.27 -0.18 -1.99
N MET A 77 -8.14 0.59 -3.08
CA MET A 77 -8.16 -0.01 -4.41
C MET A 77 -7.04 -1.03 -4.57
N PHE A 78 -5.83 -0.70 -4.11
CA PHE A 78 -4.72 -1.63 -4.24
C PHE A 78 -4.89 -2.84 -3.33
N SER A 79 -5.24 -2.61 -2.06
CA SER A 79 -5.33 -3.73 -1.11
C SER A 79 -6.53 -4.63 -1.42
N ASN A 80 -7.63 -4.05 -1.93
CA ASN A 80 -8.72 -4.88 -2.44
C ASN A 80 -8.20 -5.90 -3.45
N CYS A 81 -7.35 -5.45 -4.36
CA CYS A 81 -6.84 -6.31 -5.42
C CYS A 81 -5.92 -7.38 -4.84
N TYR A 82 -5.00 -7.00 -3.94
CA TYR A 82 -4.14 -7.99 -3.30
C TYR A 82 -4.96 -8.97 -2.47
N LEU A 83 -5.99 -8.48 -1.78
CA LEU A 83 -6.76 -9.33 -0.89
C LEU A 83 -7.60 -10.34 -1.67
N TYR A 84 -8.19 -9.91 -2.80
CA TYR A 84 -9.05 -10.82 -3.55
C TYR A 84 -8.25 -11.84 -4.35
N ASN A 85 -7.09 -11.45 -4.88
CA ASN A 85 -6.35 -12.26 -5.82
C ASN A 85 -5.22 -13.01 -5.10
N LYS A 86 -4.25 -13.53 -5.85
CA LYS A 86 -3.18 -14.35 -5.31
C LYS A 86 -1.83 -13.85 -5.82
N PRO A 87 -0.75 -14.15 -5.10
CA PRO A 87 0.58 -13.77 -5.60
C PRO A 87 0.84 -14.40 -6.96
N GLY A 88 1.52 -13.66 -7.83
CA GLY A 88 1.80 -14.11 -9.16
C GLY A 88 0.71 -13.83 -10.18
N ASP A 89 -0.51 -13.52 -9.73
CA ASP A 89 -1.57 -13.13 -10.66
C ASP A 89 -1.13 -11.91 -11.45
N ASP A 90 -1.49 -11.89 -12.74
CA ASP A 90 -1.16 -10.76 -13.59
C ASP A 90 -1.81 -9.47 -13.06
N ILE A 91 -3.05 -9.56 -12.58
CA ILE A 91 -3.71 -8.38 -12.06
C ILE A 91 -2.94 -7.83 -10.87
N VAL A 92 -2.33 -8.71 -10.07
CA VAL A 92 -1.51 -8.26 -8.94
C VAL A 92 -0.26 -7.57 -9.44
N LEU A 93 0.38 -8.13 -10.47
CA LEU A 93 1.55 -7.49 -11.07
C LEU A 93 1.19 -6.11 -11.60
N MET A 94 0.01 -5.96 -12.19
CA MET A 94 -0.35 -4.62 -12.67
C MET A 94 -0.59 -3.67 -11.50
N ALA A 95 -1.30 -4.14 -10.47
CA ALA A 95 -1.57 -3.29 -9.31
C ALA A 95 -0.27 -2.79 -8.68
N GLN A 96 0.73 -3.68 -8.58
CA GLN A 96 1.98 -3.30 -7.94
C GLN A 96 2.70 -2.22 -8.72
N ALA A 97 2.69 -2.33 -10.05
CA ALA A 97 3.30 -1.28 -10.87
C ALA A 97 2.58 0.04 -10.69
N LEU A 98 1.25 0.00 -10.62
CA LEU A 98 0.48 1.22 -10.35
C LEU A 98 0.78 1.75 -8.94
N GLU A 99 0.87 0.85 -7.96
CA GLU A 99 1.16 1.29 -6.59
C GLU A 99 2.54 1.92 -6.49
N LYS A 100 3.52 1.34 -7.20
CA LYS A 100 4.85 1.93 -7.24
C LYS A 100 4.81 3.36 -7.77
N LEU A 101 4.16 3.56 -8.91
CA LEU A 101 3.99 4.89 -9.46
C LEU A 101 3.27 5.80 -8.49
N PHE A 102 2.17 5.31 -7.91
CA PHE A 102 1.44 6.07 -6.89
C PHE A 102 2.37 6.48 -5.77
N MET A 103 3.23 5.56 -5.32
CA MET A 103 4.08 5.84 -4.17
C MET A 103 5.13 6.88 -4.54
N GLN A 104 5.61 6.84 -5.79
CA GLN A 104 6.58 7.83 -6.25
C GLN A 104 5.96 9.21 -6.36
N LYS A 105 4.77 9.30 -6.96
CA LYS A 105 4.17 10.61 -7.16
C LYS A 105 3.71 11.23 -5.84
N LEU A 106 3.37 10.40 -4.85
CA LEU A 106 3.08 10.94 -3.52
C LEU A 106 4.32 11.58 -2.91
N SER A 107 5.51 11.03 -3.20
CA SER A 107 6.74 11.59 -2.66
C SER A 107 7.00 13.01 -3.14
N GLN A 108 6.36 13.42 -4.25
CA GLN A 108 6.50 14.77 -4.80
C GLN A 108 5.29 15.63 -4.47
N MET A 109 4.46 15.20 -3.52
CA MET A 109 3.32 15.98 -3.09
C MET A 109 3.78 17.32 -2.50
N PRO A 110 3.19 18.44 -2.91
CA PRO A 110 3.53 19.73 -2.28
C PRO A 110 3.10 19.75 -0.82
N GLN A 111 3.45 20.85 -0.16
CA GLN A 111 3.11 21.09 1.25
C GLN A 111 3.82 20.10 2.18
N ALA B 2 22.61 13.75 0.70
CA ALA B 2 22.33 13.86 2.13
C ALA B 2 20.84 14.02 2.40
N ALA B 3 20.10 14.43 1.37
CA ALA B 3 18.65 14.50 1.48
C ALA B 3 18.05 13.11 1.67
N SER B 4 18.64 12.10 1.02
CA SER B 4 18.21 10.72 1.25
C SER B 4 18.47 10.30 2.70
N THR B 5 19.60 10.76 3.26
CA THR B 5 19.92 10.42 4.63
C THR B 5 18.88 10.99 5.60
N ASN B 6 18.51 12.26 5.41
CA ASN B 6 17.50 12.88 6.27
C ASN B 6 16.18 12.13 6.22
N GLN B 7 15.71 11.79 5.01
CA GLN B 7 14.47 11.04 4.88
C GLN B 7 14.61 9.64 5.48
N LEU B 8 15.78 9.02 5.32
CA LEU B 8 15.98 7.71 5.93
C LEU B 8 16.05 7.81 7.45
N GLN B 9 16.63 8.88 7.97
CA GLN B 9 16.57 9.12 9.42
C GLN B 9 15.12 9.21 9.89
N TYR B 10 14.29 9.95 9.14
CA TYR B 10 12.87 10.06 9.49
C TYR B 10 12.20 8.69 9.44
N LEU B 11 12.47 7.92 8.39
CA LEU B 11 11.90 6.58 8.28
C LEU B 11 12.34 5.71 9.46
N GLN B 12 13.58 5.89 9.93
CA GLN B 12 14.10 5.10 11.03
C GLN B 12 13.56 5.55 12.38
N LYS B 13 13.64 6.85 12.66
CA LYS B 13 13.38 7.37 14.00
C LYS B 13 11.92 7.71 14.23
N VAL B 14 11.11 7.83 13.18
CA VAL B 14 9.73 8.26 13.34
C VAL B 14 8.78 7.18 12.84
N VAL B 15 8.87 6.87 11.55
CA VAL B 15 7.90 5.96 10.95
C VAL B 15 8.06 4.55 11.52
N LEU B 16 9.27 4.00 11.46
CA LEU B 16 9.49 2.66 11.98
C LEU B 16 9.21 2.59 13.48
N LYS B 17 9.65 3.61 14.22
CA LYS B 17 9.43 3.62 15.66
C LYS B 17 7.95 3.58 15.99
N ASP B 18 7.15 4.39 15.30
CA ASP B 18 5.75 4.53 15.66
C ASP B 18 4.92 3.34 15.24
N LEU B 19 5.26 2.73 14.09
CA LEU B 19 4.65 1.46 13.73
C LEU B 19 4.95 0.40 14.79
N TRP B 20 6.20 0.33 15.24
CA TRP B 20 6.59 -0.64 16.25
C TRP B 20 5.80 -0.45 17.54
N LYS B 21 5.57 0.82 17.92
CA LYS B 21 4.84 1.12 19.16
C LYS B 21 3.37 0.71 19.07
N HIS B 22 2.81 0.66 17.87
CA HIS B 22 1.41 0.32 17.70
C HIS B 22 1.12 -1.06 18.27
N SER B 23 -0.04 -1.19 18.92
CA SER B 23 -0.42 -2.43 19.60
C SER B 23 -0.50 -3.61 18.65
N PHE B 24 -0.74 -3.37 17.37
CA PHE B 24 -0.92 -4.43 16.38
C PHE B 24 0.38 -4.77 15.65
N SER B 25 1.53 -4.29 16.13
CA SER B 25 2.75 -4.51 15.35
C SER B 25 3.39 -5.87 15.57
N TRP B 26 3.06 -6.56 16.67
CA TRP B 26 3.86 -7.72 17.07
C TRP B 26 4.01 -8.82 16.01
N PRO B 27 2.99 -9.20 15.23
CA PRO B 27 3.21 -10.25 14.21
C PRO B 27 4.12 -9.81 13.08
N PHE B 28 4.43 -8.51 12.99
CA PHE B 28 5.27 -7.98 11.93
C PHE B 28 6.67 -7.65 12.42
N GLN B 29 6.97 -7.93 13.69
CA GLN B 29 8.24 -7.56 14.30
C GLN B 29 9.37 -8.52 13.97
N ARG B 30 9.07 -9.70 13.46
CA ARG B 30 10.04 -10.69 13.02
C ARG B 30 9.54 -11.26 11.71
N PRO B 31 10.43 -11.82 10.90
CA PRO B 31 9.95 -12.51 9.69
C PRO B 31 8.93 -13.57 10.05
N VAL B 32 7.94 -13.72 9.16
CA VAL B 32 7.01 -14.83 9.26
C VAL B 32 7.80 -16.14 9.28
N ASP B 33 7.63 -16.91 10.34
CA ASP B 33 8.35 -18.18 10.47
C ASP B 33 7.39 -19.28 10.00
N ALA B 34 7.52 -19.63 8.72
CA ALA B 34 6.55 -20.54 8.10
C ALA B 34 6.66 -21.96 8.65
N VAL B 35 7.86 -22.38 9.04
CA VAL B 35 7.99 -23.67 9.71
C VAL B 35 7.26 -23.64 11.06
N LYS B 36 7.59 -22.66 11.90
CA LYS B 36 6.96 -22.52 13.20
C LYS B 36 5.44 -22.42 13.08
N LEU B 37 4.95 -21.63 12.12
CA LEU B 37 3.53 -21.39 11.95
C LEU B 37 2.84 -22.47 11.14
N GLN B 38 3.57 -23.49 10.69
CA GLN B 38 3.00 -24.59 9.91
C GLN B 38 2.29 -24.07 8.67
N LEU B 39 3.01 -23.26 7.88
CA LEU B 39 2.51 -22.66 6.64
C LEU B 39 3.26 -23.26 5.46
N PRO B 40 2.76 -24.35 4.87
CA PRO B 40 3.59 -25.10 3.91
C PRO B 40 3.91 -24.34 2.63
N ASP B 41 3.10 -23.37 2.23
CA ASP B 41 3.26 -22.70 0.95
C ASP B 41 3.81 -21.28 1.07
N TYR B 42 4.05 -20.77 2.27
CA TYR B 42 4.37 -19.35 2.42
C TYR B 42 5.66 -19.00 1.70
N TYR B 43 6.74 -19.73 1.96
CA TYR B 43 8.01 -19.44 1.30
C TYR B 43 7.93 -19.67 -0.19
N THR B 44 7.00 -20.50 -0.66
CA THR B 44 6.88 -20.75 -2.10
C THR B 44 6.22 -19.58 -2.83
N ILE B 45 5.18 -18.99 -2.26
CA ILE B 45 4.40 -18.00 -2.99
C ILE B 45 4.69 -16.55 -2.59
N ILE B 46 5.29 -16.32 -1.43
CA ILE B 46 5.73 -14.99 -1.03
C ILE B 46 7.22 -14.90 -1.34
N LYS B 47 7.55 -14.29 -2.48
CA LYS B 47 8.90 -14.40 -3.03
C LYS B 47 9.91 -13.61 -2.21
N ASN B 48 9.52 -12.45 -1.68
CA ASN B 48 10.42 -11.61 -0.88
C ASN B 48 9.71 -11.30 0.43
N PRO B 49 9.79 -12.19 1.41
CA PRO B 49 9.25 -11.89 2.74
C PRO B 49 9.91 -10.64 3.33
N MET B 50 9.13 -9.88 4.09
CA MET B 50 9.63 -8.63 4.64
C MET B 50 8.96 -8.39 5.98
N ASP B 51 9.67 -7.72 6.88
CA ASP B 51 9.18 -7.49 8.24
C ASP B 51 9.85 -6.26 8.81
N LEU B 52 9.34 -5.80 9.97
CA LEU B 52 9.84 -4.59 10.58
C LEU B 52 11.28 -4.74 11.07
N ASN B 53 11.67 -5.94 11.53
CA ASN B 53 13.04 -6.12 12.00
C ASN B 53 14.04 -6.08 10.85
N THR B 54 13.67 -6.66 9.70
CA THR B 54 14.55 -6.59 8.54
C THR B 54 14.78 -5.15 8.13
N ILE B 55 13.70 -4.36 8.08
CA ILE B 55 13.79 -2.95 7.74
C ILE B 55 14.65 -2.22 8.77
N LYS B 56 14.40 -2.48 10.06
CA LYS B 56 15.19 -1.87 11.12
C LYS B 56 16.68 -2.16 10.95
N LYS B 57 17.02 -3.40 10.63
CA LYS B 57 18.43 -3.75 10.48
C LYS B 57 19.04 -3.06 9.27
N ARG B 58 18.30 -3.02 8.15
CA ARG B 58 18.83 -2.37 6.95
C ARG B 58 19.01 -0.88 7.16
N LEU B 59 18.12 -0.23 7.92
CA LEU B 59 18.33 1.18 8.25
C LEU B 59 19.54 1.36 9.16
N GLU B 60 19.68 0.50 10.17
CA GLU B 60 20.82 0.61 11.09
C GLU B 60 22.14 0.35 10.36
N ASN B 61 22.13 -0.57 9.39
CA ASN B 61 23.32 -0.91 8.61
C ASN B 61 23.48 -0.05 7.38
N LYS B 62 22.73 1.05 7.28
CA LYS B 62 22.74 1.94 6.11
C LYS B 62 22.73 1.15 4.82
N TYR B 63 21.80 0.19 4.74
CA TYR B 63 21.69 -0.69 3.59
C TYR B 63 21.01 0.01 2.40
N TYR B 64 20.10 0.94 2.68
CA TYR B 64 19.37 1.65 1.64
C TYR B 64 20.17 2.84 1.16
N ALA B 65 20.08 3.11 -0.15
CA ALA B 65 20.64 4.34 -0.70
C ALA B 65 19.61 5.46 -0.78
N LYS B 66 18.33 5.12 -0.91
CA LYS B 66 17.26 6.09 -1.06
C LYS B 66 16.11 5.74 -0.13
N ALA B 67 15.37 6.77 0.27
CA ALA B 67 14.18 6.53 1.08
C ALA B 67 13.15 5.69 0.34
N SER B 68 13.09 5.83 -0.99
CA SER B 68 12.10 5.08 -1.77
C SER B 68 12.34 3.58 -1.69
N GLU B 69 13.60 3.15 -1.53
CA GLU B 69 13.86 1.72 -1.40
C GLU B 69 13.36 1.18 -0.06
N CYS B 70 13.52 1.97 1.00
CA CYS B 70 12.96 1.59 2.29
C CYS B 70 11.43 1.56 2.25
N ILE B 71 10.83 2.58 1.63
CA ILE B 71 9.37 2.61 1.49
C ILE B 71 8.88 1.39 0.72
N GLU B 72 9.63 0.96 -0.29
CA GLU B 72 9.27 -0.24 -1.04
C GLU B 72 9.21 -1.46 -0.12
N ASP B 73 10.18 -1.59 0.80
CA ASP B 73 10.14 -2.70 1.74
C ASP B 73 8.92 -2.64 2.65
N PHE B 74 8.56 -1.44 3.13
CA PHE B 74 7.35 -1.30 3.93
C PHE B 74 6.13 -1.78 3.15
N ASN B 75 6.00 -1.32 1.90
CA ASN B 75 4.85 -1.71 1.08
C ASN B 75 4.86 -3.21 0.80
N THR B 76 6.04 -3.79 0.61
CA THR B 76 6.15 -5.22 0.42
C THR B 76 5.64 -5.98 1.65
N MET B 77 6.02 -5.51 2.85
CA MET B 77 5.48 -6.10 4.07
C MET B 77 3.96 -6.17 4.05
N PHE B 78 3.31 -5.08 3.62
CA PHE B 78 1.85 -5.03 3.67
C PHE B 78 1.24 -5.89 2.57
N SER B 79 1.72 -5.75 1.33
CA SER B 79 1.11 -6.49 0.23
C SER B 79 1.35 -7.99 0.38
N ASN B 80 2.52 -8.39 0.92
CA ASN B 80 2.74 -9.78 1.27
C ASN B 80 1.62 -10.30 2.15
N CYS B 81 1.33 -9.58 3.24
CA CYS B 81 0.25 -9.96 4.14
C CYS B 81 -1.08 -10.08 3.41
N TYR B 82 -1.44 -9.06 2.62
CA TYR B 82 -2.72 -9.10 1.93
C TYR B 82 -2.75 -10.23 0.90
N LEU B 83 -1.62 -10.47 0.23
CA LEU B 83 -1.59 -11.48 -0.82
C LEU B 83 -1.68 -12.88 -0.23
N TYR B 84 -1.02 -13.13 0.90
CA TYR B 84 -1.04 -14.48 1.46
C TYR B 84 -2.36 -14.80 2.15
N ASN B 85 -2.98 -13.81 2.78
CA ASN B 85 -4.12 -14.05 3.64
C ASN B 85 -5.42 -13.73 2.88
N LYS B 86 -6.53 -13.63 3.62
CA LYS B 86 -7.85 -13.46 3.04
C LYS B 86 -8.52 -12.22 3.61
N PRO B 87 -9.45 -11.62 2.87
CA PRO B 87 -10.23 -10.51 3.43
C PRO B 87 -10.95 -10.94 4.70
N GLY B 88 -10.82 -10.14 5.76
CA GLY B 88 -11.46 -10.43 7.01
C GLY B 88 -10.59 -11.13 8.03
N ASP B 89 -9.45 -11.68 7.62
CA ASP B 89 -8.50 -12.25 8.57
C ASP B 89 -8.08 -11.17 9.57
N ASP B 90 -7.85 -11.59 10.81
CA ASP B 90 -7.40 -10.65 11.83
C ASP B 90 -6.03 -10.06 11.47
N ILE B 91 -5.14 -10.89 10.94
CA ILE B 91 -3.81 -10.39 10.57
C ILE B 91 -3.95 -9.31 9.51
N VAL B 92 -4.98 -9.38 8.67
CA VAL B 92 -5.18 -8.38 7.62
C VAL B 92 -5.69 -7.07 8.23
N LEU B 93 -6.71 -7.16 9.09
CA LEU B 93 -7.15 -6.01 9.88
C LEU B 93 -5.96 -5.36 10.57
N MET B 94 -5.01 -6.19 11.03
CA MET B 94 -3.91 -5.70 11.83
C MET B 94 -2.93 -4.94 10.93
N ALA B 95 -2.68 -5.47 9.73
CA ALA B 95 -1.82 -4.80 8.77
C ALA B 95 -2.44 -3.50 8.27
N GLN B 96 -3.77 -3.49 8.08
CA GLN B 96 -4.43 -2.29 7.58
C GLN B 96 -4.30 -1.13 8.55
N ALA B 97 -4.42 -1.41 9.86
CA ALA B 97 -4.19 -0.36 10.85
C ALA B 97 -2.76 0.15 10.79
N LEU B 98 -1.80 -0.77 10.68
CA LEU B 98 -0.39 -0.36 10.55
C LEU B 98 -0.16 0.41 9.27
N GLU B 99 -0.80 -0.01 8.17
CA GLU B 99 -0.60 0.67 6.89
C GLU B 99 -1.17 2.08 6.93
N LYS B 100 -2.31 2.27 7.59
CA LYS B 100 -2.89 3.61 7.72
C LYS B 100 -1.94 4.52 8.49
N LEU B 101 -1.39 4.03 9.60
CA LEU B 101 -0.41 4.80 10.35
C LEU B 101 0.81 5.12 9.50
N PHE B 102 1.24 4.15 8.68
CA PHE B 102 2.38 4.35 7.80
C PHE B 102 2.15 5.50 6.83
N MET B 103 0.97 5.55 6.21
CA MET B 103 0.64 6.63 5.29
C MET B 103 0.52 7.97 6.00
N GLN B 104 -0.02 7.97 7.22
CA GLN B 104 -0.11 9.22 7.97
C GLN B 104 1.27 9.77 8.29
N LYS B 105 2.18 8.92 8.76
CA LYS B 105 3.51 9.40 9.10
C LYS B 105 4.32 9.73 7.86
N LEU B 106 4.05 9.02 6.75
CA LEU B 106 4.68 9.35 5.49
C LEU B 106 4.28 10.75 5.03
N SER B 107 3.04 11.17 5.36
CA SER B 107 2.55 12.47 4.94
C SER B 107 3.32 13.61 5.61
N GLN B 108 3.90 13.36 6.78
CA GLN B 108 4.70 14.36 7.49
C GLN B 108 6.19 14.22 7.19
N MET B 109 6.54 13.47 6.15
CA MET B 109 7.94 13.28 5.81
C MET B 109 8.55 14.59 5.33
N PRO B 110 9.67 15.04 5.93
CA PRO B 110 10.31 16.28 5.46
C PRO B 110 10.70 16.21 3.99
N GLN B 111 10.05 17.02 3.17
CA GLN B 111 10.38 17.08 1.74
C GLN B 111 11.81 17.59 1.56
N GLU B 112 12.75 16.68 1.31
CA GLU B 112 14.15 17.04 1.14
C GLU B 112 14.66 16.65 -0.24
#